data_1JZI
#
_entry.id   1JZI
#
_cell.length_a   93.950
_cell.length_b   50.990
_cell.length_c   62.440
_cell.angle_alpha   90.00
_cell.angle_beta   128.10
_cell.angle_gamma   90.00
#
_symmetry.space_group_name_H-M   'C 1 2 1'
#
loop_
_entity.id
_entity.type
_entity.pdbx_description
1 polymer AZURIN
2 non-polymer 'COPPER (II) ION'
3 non-polymer '(1,10 PHENANTHROLINE)-(TRI-CARBON MONOXIDE) RHENIUM (I)'
4 non-polymer 'TETRA(IMIDAZOLE)DIAQUACOPPER (II)'
5 water water
#
_entity_poly.entity_id   1
_entity_poly.type   'polypeptide(L)'
_entity_poly.pdbx_seq_one_letter_code
;AECSVDIQGNDQMQFNTNAITVDKSCKQFTVNLSHPGNLPKNVMGHNWVLSTAADMQGVVTDGMASGLDKDYLKPDDSRV
IAHTKLIGSGEKDSVTFDVSKLKEGEQYMFFCTFPGHSALMKGTLTLK
;
_entity_poly.pdbx_strand_id   A,B
#
loop_
_chem_comp.id
_chem_comp.type
_chem_comp.name
_chem_comp.formula
CU non-polymer 'COPPER (II) ION' 'Cu 2'
IME non-polymer 'TETRA(IMIDAZOLE)DIAQUACOPPER (II)' 'C12 H16 Cu N8 O2 2'
REP non-polymer '(1,10 PHENANTHROLINE)-(TRI-CARBON MONOXIDE) RHENIUM (I)' 'C15 H8 N2 O3 Re'
#
# COMPACT_ATOMS: atom_id res chain seq x y z
N ALA A 1 28.02 -11.05 -14.09
CA ALA A 1 28.41 -12.45 -14.43
C ALA A 1 27.47 -13.47 -13.76
N GLU A 2 26.56 -12.96 -12.95
CA GLU A 2 25.58 -13.80 -12.25
C GLU A 2 24.24 -13.60 -12.94
N CYS A 3 23.61 -14.70 -13.35
CA CYS A 3 22.32 -14.64 -14.04
C CYS A 3 21.11 -14.97 -13.17
N SER A 4 21.18 -14.56 -11.91
CA SER A 4 20.10 -14.78 -10.96
C SER A 4 20.22 -13.82 -9.79
N VAL A 5 19.12 -13.61 -9.09
CA VAL A 5 19.09 -12.73 -7.94
C VAL A 5 18.06 -13.23 -6.94
N ASP A 6 18.43 -13.19 -5.66
CA ASP A 6 17.55 -13.62 -4.59
C ASP A 6 16.90 -12.36 -4.01
N ILE A 7 15.58 -12.32 -4.03
CA ILE A 7 14.86 -11.16 -3.51
C ILE A 7 13.87 -11.58 -2.45
N GLN A 8 13.71 -10.73 -1.43
CA GLN A 8 12.77 -10.97 -0.33
C GLN A 8 11.67 -9.92 -0.25
N GLY A 9 10.48 -10.36 0.13
CA GLY A 9 9.34 -9.49 0.31
C GLY A 9 8.86 -9.78 1.71
N ASN A 10 8.91 -8.79 2.61
CA ASN A 10 8.54 -8.99 4.01
C ASN A 10 7.22 -8.40 4.50
N ASP A 11 7.01 -8.47 5.82
CA ASP A 11 5.79 -7.95 6.43
C ASP A 11 5.73 -6.43 6.48
N GLN A 12 6.84 -5.78 6.12
CA GLN A 12 6.89 -4.32 6.12
C GLN A 12 6.46 -3.77 4.77
N MET A 13 5.98 -4.66 3.90
CA MET A 13 5.55 -4.30 2.56
C MET A 13 6.75 -3.68 1.83
N GLN A 14 7.88 -4.35 1.96
CA GLN A 14 9.14 -3.91 1.35
C GLN A 14 9.93 -5.05 0.71
N PHE A 15 10.57 -4.75 -0.43
CA PHE A 15 11.44 -5.69 -1.11
C PHE A 15 12.80 -5.38 -0.51
N ASN A 16 13.74 -6.31 -0.57
CA ASN A 16 15.07 -6.02 -0.02
C ASN A 16 16.08 -5.61 -1.09
N THR A 17 15.54 -5.14 -2.22
CA THR A 17 16.35 -4.67 -3.34
C THR A 17 15.59 -3.56 -4.07
N ASN A 18 16.31 -2.52 -4.49
CA ASN A 18 15.71 -1.40 -5.22
C ASN A 18 16.14 -1.36 -6.68
N ALA A 19 17.19 -2.12 -7.00
CA ALA A 19 17.73 -2.13 -8.35
C ALA A 19 18.35 -3.48 -8.73
N ILE A 20 18.11 -3.89 -9.97
CA ILE A 20 18.64 -5.15 -10.48
C ILE A 20 19.25 -4.87 -11.85
N THR A 21 20.46 -5.36 -12.08
CA THR A 21 21.11 -5.18 -13.37
C THR A 21 21.31 -6.56 -13.98
N VAL A 22 20.74 -6.76 -15.17
CA VAL A 22 20.88 -8.04 -15.87
C VAL A 22 22.07 -7.93 -16.81
N ASP A 23 23.06 -8.79 -16.61
CA ASP A 23 24.26 -8.80 -17.43
C ASP A 23 23.94 -9.33 -18.83
N LYS A 24 24.46 -8.67 -19.86
CA LYS A 24 24.23 -9.06 -21.24
C LYS A 24 24.68 -10.47 -21.57
N SER A 25 25.73 -10.93 -20.90
CA SER A 25 26.26 -12.27 -21.12
C SER A 25 25.23 -13.33 -20.79
N CYS A 26 24.20 -12.94 -20.03
CA CYS A 26 23.15 -13.86 -19.65
C CYS A 26 22.13 -14.05 -20.77
N LYS A 27 21.88 -15.32 -21.11
CA LYS A 27 20.88 -15.64 -22.12
C LYS A 27 19.51 -15.71 -21.42
N GLN A 28 19.55 -16.07 -20.15
CA GLN A 28 18.35 -16.19 -19.31
C GLN A 28 18.64 -15.62 -17.93
N PHE A 29 17.60 -15.20 -17.23
CA PHE A 29 17.76 -14.61 -15.90
C PHE A 29 16.72 -15.21 -14.96
N THR A 30 17.14 -15.46 -13.72
CA THR A 30 16.25 -16.07 -12.74
C THR A 30 16.05 -15.20 -11.51
N VAL A 31 14.80 -15.06 -11.10
CA VAL A 31 14.47 -14.30 -9.90
C VAL A 31 13.92 -15.29 -8.89
N ASN A 32 14.58 -15.38 -7.74
CA ASN A 32 14.17 -16.28 -6.67
C ASN A 32 13.54 -15.43 -5.55
N LEU A 33 12.22 -15.36 -5.54
CA LEU A 33 11.51 -14.58 -4.54
C LEU A 33 11.13 -15.42 -3.32
N SER A 34 11.26 -14.83 -2.15
CA SER A 34 10.91 -15.52 -0.91
C SER A 34 10.21 -14.52 0.01
N HIS A 35 9.41 -15.05 0.92
CA HIS A 35 8.66 -14.25 1.86
C HIS A 35 9.03 -14.64 3.30
N PRO A 36 9.97 -13.91 3.91
CA PRO A 36 10.42 -14.17 5.28
C PRO A 36 9.44 -13.70 6.36
N GLY A 37 8.32 -13.14 5.94
CA GLY A 37 7.33 -12.65 6.90
C GLY A 37 6.45 -13.73 7.50
N ASN A 38 5.50 -13.31 8.33
CA ASN A 38 4.60 -14.24 9.00
C ASN A 38 3.12 -13.91 8.78
N LEU A 39 2.86 -12.84 8.04
CA LEU A 39 1.49 -12.41 7.76
C LEU A 39 0.85 -13.20 6.63
N PRO A 40 -0.46 -13.49 6.74
CA PRO A 40 -1.24 -14.24 5.74
C PRO A 40 -1.16 -13.64 4.35
N LYS A 41 -1.21 -14.51 3.35
CA LYS A 41 -1.15 -14.11 1.94
C LYS A 41 -2.23 -13.10 1.56
N ASN A 42 -3.38 -13.20 2.20
CA ASN A 42 -4.50 -12.29 1.93
C ASN A 42 -4.28 -10.87 2.43
N VAL A 43 -3.39 -10.69 3.39
CA VAL A 43 -3.12 -9.34 3.90
C VAL A 43 -1.74 -8.82 3.55
N MET A 44 -0.81 -9.74 3.23
CA MET A 44 0.55 -9.34 2.89
C MET A 44 1.17 -10.22 1.79
N GLY A 45 0.38 -10.51 0.76
CA GLY A 45 0.87 -11.33 -0.34
C GLY A 45 1.79 -10.54 -1.23
N HIS A 46 2.81 -11.21 -1.77
CA HIS A 46 3.78 -10.55 -2.63
C HIS A 46 4.09 -11.35 -3.87
N ASN A 47 4.36 -10.61 -4.94
CA ASN A 47 4.78 -11.21 -6.20
C ASN A 47 5.84 -10.29 -6.80
N TRP A 48 6.55 -10.79 -7.80
CA TRP A 48 7.59 -10.02 -8.48
C TRP A 48 7.12 -9.96 -9.92
N VAL A 49 6.81 -8.76 -10.39
CA VAL A 49 6.32 -8.56 -11.75
C VAL A 49 7.23 -7.58 -12.47
N LEU A 50 7.56 -7.91 -13.72
CA LEU A 50 8.46 -7.08 -14.50
C LEU A 50 7.77 -6.54 -15.74
N SER A 51 8.03 -5.27 -16.02
CA SER A 51 7.49 -4.61 -17.20
C SER A 51 8.35 -3.38 -17.48
N THR A 52 8.08 -2.70 -18.58
CA THR A 52 8.83 -1.47 -18.85
C THR A 52 8.37 -0.44 -17.83
N ALA A 53 9.18 0.57 -17.56
CA ALA A 53 8.78 1.59 -16.60
C ALA A 53 7.50 2.28 -17.07
N ALA A 54 7.36 2.41 -18.38
CA ALA A 54 6.20 3.04 -18.97
C ALA A 54 4.91 2.26 -18.73
N ASP A 55 5.01 0.93 -18.72
CA ASP A 55 3.84 0.07 -18.53
C ASP A 55 3.47 -0.27 -17.09
N MET A 56 4.34 0.03 -16.13
CA MET A 56 4.07 -0.30 -14.74
C MET A 56 2.70 0.11 -14.22
N GLN A 57 2.36 1.39 -14.38
CA GLN A 57 1.08 1.91 -13.89
C GLN A 57 -0.12 1.12 -14.42
N GLY A 58 -0.14 0.89 -15.73
CA GLY A 58 -1.24 0.15 -16.34
C GLY A 58 -1.33 -1.26 -15.79
N VAL A 59 -0.18 -1.92 -15.64
CA VAL A 59 -0.15 -3.29 -15.13
C VAL A 59 -0.66 -3.34 -13.70
N VAL A 60 -0.27 -2.37 -12.89
CA VAL A 60 -0.70 -2.30 -11.49
C VAL A 60 -2.20 -2.06 -11.38
N THR A 61 -2.72 -1.14 -12.18
CA THR A 61 -4.14 -0.80 -12.17
C THR A 61 -5.01 -1.99 -12.60
N ASP A 62 -4.69 -2.57 -13.74
CA ASP A 62 -5.46 -3.71 -14.23
C ASP A 62 -5.22 -4.95 -13.39
N GLY A 63 -4.14 -4.93 -12.62
CA GLY A 63 -3.82 -6.05 -11.76
C GLY A 63 -4.74 -6.14 -10.56
N MET A 64 -4.88 -5.03 -9.83
CA MET A 64 -5.74 -5.01 -8.66
C MET A 64 -7.20 -5.20 -9.08
N ALA A 65 -7.52 -4.76 -10.29
CA ALA A 65 -8.87 -4.89 -10.84
C ALA A 65 -9.21 -6.34 -11.11
N SER A 66 -8.18 -7.17 -11.26
CA SER A 66 -8.35 -8.59 -11.53
C SER A 66 -8.57 -9.43 -10.26
N GLY A 67 -8.41 -8.79 -9.10
CA GLY A 67 -8.63 -9.48 -7.84
C GLY A 67 -7.66 -10.58 -7.46
N LEU A 68 -7.79 -11.06 -6.22
CA LEU A 68 -6.94 -12.12 -5.68
C LEU A 68 -7.07 -13.42 -6.47
N ASP A 69 -8.23 -13.62 -7.09
CA ASP A 69 -8.51 -14.82 -7.88
C ASP A 69 -7.67 -14.91 -9.15
N LYS A 70 -6.80 -13.92 -9.35
CA LYS A 70 -5.90 -13.85 -10.50
C LYS A 70 -4.49 -13.44 -10.05
N ASP A 71 -4.17 -13.64 -8.78
CA ASP A 71 -2.86 -13.28 -8.24
C ASP A 71 -2.56 -11.79 -8.51
N TYR A 72 -3.64 -11.02 -8.66
CA TYR A 72 -3.57 -9.60 -8.92
C TYR A 72 -2.84 -9.22 -10.20
N LEU A 73 -3.01 -10.04 -11.22
CA LEU A 73 -2.40 -9.82 -12.53
C LEU A 73 -3.47 -10.06 -13.59
N LYS A 74 -3.63 -9.12 -14.50
CA LYS A 74 -4.63 -9.28 -15.57
C LYS A 74 -4.19 -10.39 -16.52
N PRO A 75 -5.07 -11.37 -16.75
CA PRO A 75 -4.74 -12.47 -17.66
C PRO A 75 -4.39 -11.96 -19.04
N ASP A 76 -3.32 -12.52 -19.61
CA ASP A 76 -2.85 -12.16 -20.94
C ASP A 76 -2.44 -10.71 -21.09
N ASP A 77 -1.93 -10.12 -20.00
CA ASP A 77 -1.48 -8.74 -20.06
C ASP A 77 -0.13 -8.74 -20.78
N SER A 78 -0.15 -8.39 -22.06
CA SER A 78 1.05 -8.36 -22.89
C SER A 78 2.17 -7.47 -22.34
N ARG A 79 1.81 -6.51 -21.49
CA ARG A 79 2.79 -5.58 -20.91
C ARG A 79 3.70 -6.27 -19.91
N VAL A 80 3.24 -7.38 -19.34
CA VAL A 80 4.02 -8.13 -18.38
C VAL A 80 5.11 -8.92 -19.12
N ILE A 81 6.35 -8.71 -18.74
CA ILE A 81 7.48 -9.40 -19.36
C ILE A 81 7.71 -10.75 -18.68
N ALA A 82 7.62 -10.74 -17.35
CA ALA A 82 7.80 -11.94 -16.55
C ALA A 82 7.19 -11.72 -15.16
N HIS A 83 6.95 -12.79 -14.43
CA HIS A 83 6.35 -12.65 -13.11
C HIS A 83 6.47 -13.92 -12.32
N THR A 84 6.46 -13.78 -11.00
CA THR A 84 6.49 -14.94 -10.11
C THR A 84 5.04 -15.09 -9.63
N LYS A 85 4.70 -16.20 -8.99
CA LYS A 85 3.33 -16.31 -8.51
C LYS A 85 3.18 -15.44 -7.26
N LEU A 86 1.96 -15.26 -6.78
CA LEU A 86 1.69 -14.47 -5.58
C LEU A 86 1.94 -15.42 -4.40
N ILE A 87 2.88 -15.05 -3.53
CA ILE A 87 3.21 -15.89 -2.39
C ILE A 87 2.90 -15.24 -1.05
N GLY A 88 2.66 -16.08 -0.05
CA GLY A 88 2.38 -15.60 1.29
C GLY A 88 3.53 -15.92 2.22
N SER A 89 3.35 -15.61 3.50
CA SER A 89 4.36 -15.84 4.53
C SER A 89 5.01 -17.21 4.46
N GLY A 90 6.33 -17.22 4.54
CA GLY A 90 7.11 -18.45 4.52
C GLY A 90 7.29 -19.14 3.17
N GLU A 91 6.61 -18.66 2.14
CA GLU A 91 6.70 -19.27 0.82
C GLU A 91 7.81 -18.72 -0.07
N LYS A 92 8.04 -19.40 -1.19
CA LYS A 92 9.05 -19.00 -2.16
C LYS A 92 8.61 -19.40 -3.55
N ASP A 93 9.11 -18.68 -4.55
CA ASP A 93 8.80 -18.97 -5.95
C ASP A 93 9.89 -18.40 -6.83
N SER A 94 10.25 -19.14 -7.87
CA SER A 94 11.27 -18.72 -8.80
C SER A 94 10.76 -18.65 -10.23
N VAL A 95 11.27 -17.67 -10.98
CA VAL A 95 10.90 -17.52 -12.37
C VAL A 95 12.16 -17.29 -13.17
N THR A 96 12.23 -17.93 -14.33
CA THR A 96 13.35 -17.78 -15.25
C THR A 96 12.79 -17.30 -16.58
N PHE A 97 13.34 -16.22 -17.12
CA PHE A 97 12.86 -15.69 -18.39
C PHE A 97 14.01 -15.40 -19.36
N ASP A 98 13.69 -15.31 -20.65
CA ASP A 98 14.68 -15.03 -21.69
C ASP A 98 15.10 -13.57 -21.65
N VAL A 99 16.41 -13.35 -21.52
CA VAL A 99 16.95 -11.99 -21.46
C VAL A 99 16.76 -11.24 -22.78
N SER A 100 16.49 -12.00 -23.85
CA SER A 100 16.28 -11.40 -25.16
C SER A 100 15.01 -10.55 -25.18
N LYS A 101 14.20 -10.67 -24.13
CA LYS A 101 12.97 -9.88 -24.03
C LYS A 101 13.29 -8.46 -23.54
N LEU A 102 14.55 -8.22 -23.21
CA LEU A 102 15.01 -6.92 -22.72
C LEU A 102 16.00 -6.32 -23.71
N LYS A 103 16.06 -4.99 -23.74
CA LYS A 103 16.99 -4.30 -24.62
C LYS A 103 17.72 -3.20 -23.85
N GLU A 104 18.96 -2.95 -24.25
CA GLU A 104 19.77 -1.92 -23.63
C GLU A 104 19.17 -0.54 -23.83
N GLY A 105 19.40 0.32 -22.84
CA GLY A 105 18.91 1.69 -22.91
C GLY A 105 17.46 1.90 -22.56
N GLU A 106 16.74 0.81 -22.25
CA GLU A 106 15.35 0.92 -21.87
C GLU A 106 15.17 0.72 -20.37
N GLN A 107 14.31 1.55 -19.77
CA GLN A 107 14.01 1.50 -18.34
C GLN A 107 12.92 0.48 -18.01
N TYR A 108 13.25 -0.48 -17.15
CA TYR A 108 12.30 -1.50 -16.73
C TYR A 108 12.07 -1.35 -15.23
N MET A 109 10.94 -1.85 -14.77
CA MET A 109 10.61 -1.77 -13.36
C MET A 109 10.04 -3.09 -12.89
N PHE A 110 10.43 -3.50 -11.68
CA PHE A 110 9.88 -4.70 -11.06
C PHE A 110 9.03 -4.18 -9.91
N PHE A 111 7.94 -4.88 -9.61
CA PHE A 111 7.03 -4.43 -8.56
C PHE A 111 6.08 -5.53 -8.14
N CYS A 112 5.39 -5.29 -7.03
CA CYS A 112 4.41 -6.20 -6.49
C CYS A 112 3.06 -5.60 -6.85
N THR A 113 2.14 -6.43 -7.36
CA THR A 113 0.83 -5.95 -7.76
C THR A 113 -0.28 -6.10 -6.72
N PHE A 114 0.05 -6.57 -5.52
CA PHE A 114 -0.95 -6.70 -4.47
C PHE A 114 -1.35 -5.24 -4.22
N PRO A 115 -2.66 -4.93 -4.22
CA PRO A 115 -3.19 -3.59 -4.02
C PRO A 115 -2.46 -2.71 -3.00
N GLY A 116 -1.88 -1.62 -3.49
CA GLY A 116 -1.17 -0.68 -2.64
C GLY A 116 0.31 -0.94 -2.38
N HIS A 117 0.74 -2.17 -2.60
CA HIS A 117 2.12 -2.54 -2.34
C HIS A 117 3.17 -1.82 -3.19
N SER A 118 2.89 -1.58 -4.47
CA SER A 118 3.86 -0.92 -5.35
C SER A 118 4.28 0.48 -4.88
N ALA A 119 3.54 1.04 -3.93
CA ALA A 119 3.88 2.36 -3.40
C ALA A 119 5.31 2.29 -2.82
N LEU A 120 5.66 1.14 -2.26
CA LEU A 120 6.97 0.89 -1.66
C LEU A 120 7.72 -0.23 -2.38
N MET A 121 6.97 -1.24 -2.80
CA MET A 121 7.54 -2.41 -3.46
C MET A 121 7.72 -2.27 -4.96
N LYS A 122 8.77 -1.54 -5.34
CA LYS A 122 9.10 -1.33 -6.74
C LYS A 122 10.56 -1.00 -6.84
N GLY A 123 11.17 -1.36 -7.96
CA GLY A 123 12.58 -1.07 -8.16
C GLY A 123 12.88 -1.04 -9.64
N THR A 124 14.10 -0.64 -9.98
CA THR A 124 14.55 -0.55 -11.35
C THR A 124 15.31 -1.78 -11.83
N LEU A 125 15.25 -2.02 -13.14
CA LEU A 125 15.95 -3.13 -13.78
C LEU A 125 16.41 -2.66 -15.16
N THR A 126 17.67 -2.93 -15.47
CA THR A 126 18.23 -2.55 -16.77
C THR A 126 19.13 -3.65 -17.29
N LEU A 127 19.28 -3.69 -18.60
CA LEU A 127 20.15 -4.65 -19.28
C LEU A 127 21.44 -3.89 -19.54
N LYS A 128 22.56 -4.42 -19.05
CA LYS A 128 23.85 -3.77 -19.20
C LYS A 128 25.01 -4.77 -19.35
N ALA B 1 -13.88 30.10 12.48
CA ALA B 1 -13.28 29.37 11.35
C ALA B 1 -13.87 27.98 11.20
N GLU B 2 -13.33 27.24 10.24
CA GLU B 2 -13.77 25.89 9.93
C GLU B 2 -13.30 24.86 10.96
N CYS B 3 -14.26 24.21 11.61
CA CYS B 3 -13.97 23.19 12.60
C CYS B 3 -14.35 21.81 12.08
N SER B 4 -14.27 21.65 10.76
CA SER B 4 -14.59 20.39 10.11
C SER B 4 -13.90 20.30 8.74
N VAL B 5 -13.74 19.07 8.26
CA VAL B 5 -13.12 18.82 6.97
C VAL B 5 -13.81 17.64 6.29
N ASP B 6 -14.11 17.80 5.02
CA ASP B 6 -14.73 16.75 4.22
C ASP B 6 -13.60 16.04 3.48
N ILE B 7 -13.43 14.75 3.78
CA ILE B 7 -12.39 13.95 3.17
C ILE B 7 -12.97 12.75 2.42
N GLN B 8 -12.40 12.47 1.25
CA GLN B 8 -12.83 11.35 0.44
C GLN B 8 -11.72 10.33 0.24
N GLY B 9 -12.09 9.05 0.24
CA GLY B 9 -11.16 7.96 0.02
C GLY B 9 -11.73 7.21 -1.18
N ASN B 10 -10.99 7.15 -2.28
CA ASN B 10 -11.48 6.50 -3.50
C ASN B 10 -10.90 5.11 -3.83
N ASP B 11 -11.25 4.60 -5.02
CA ASP B 11 -10.81 3.30 -5.49
C ASP B 11 -9.32 3.22 -5.87
N GLN B 12 -8.68 4.39 -5.95
CA GLN B 12 -7.26 4.47 -6.30
C GLN B 12 -6.43 4.62 -5.02
N MET B 13 -7.04 4.32 -3.87
CA MET B 13 -6.37 4.42 -2.58
C MET B 13 -5.80 5.82 -2.36
N GLN B 14 -6.62 6.83 -2.63
CA GLN B 14 -6.23 8.22 -2.46
C GLN B 14 -7.19 8.97 -1.55
N PHE B 15 -6.62 9.82 -0.70
CA PHE B 15 -7.39 10.70 0.17
C PHE B 15 -7.32 12.01 -0.62
N ASN B 16 -8.34 12.87 -0.54
CA ASN B 16 -8.27 14.11 -1.29
C ASN B 16 -7.59 15.27 -0.55
N THR B 17 -6.81 14.91 0.47
CA THR B 17 -6.04 15.86 1.26
C THR B 17 -4.88 15.12 1.92
N ASN B 18 -3.77 15.84 2.11
CA ASN B 18 -2.57 15.25 2.71
C ASN B 18 -2.14 16.02 3.95
N ALA B 19 -2.86 17.08 4.28
CA ALA B 19 -2.53 17.90 5.43
C ALA B 19 -3.76 18.60 5.99
N ILE B 20 -3.98 18.45 7.28
CA ILE B 20 -5.11 19.06 7.96
C ILE B 20 -4.58 19.97 9.05
N THR B 21 -5.09 21.20 9.09
CA THR B 21 -4.69 22.17 10.10
C THR B 21 -5.93 22.52 10.92
N VAL B 22 -5.93 22.15 12.20
CA VAL B 22 -7.04 22.42 13.08
C VAL B 22 -6.87 23.78 13.74
N ASP B 23 -7.86 24.66 13.54
CA ASP B 23 -7.83 25.99 14.12
C ASP B 23 -7.97 25.86 15.65
N LYS B 24 -7.09 26.54 16.38
CA LYS B 24 -7.09 26.50 17.83
C LYS B 24 -8.37 27.07 18.47
N SER B 25 -9.13 27.85 17.72
CA SER B 25 -10.37 28.43 18.23
C SER B 25 -11.47 27.37 18.34
N CYS B 26 -11.27 26.25 17.66
CA CYS B 26 -12.23 25.15 17.67
C CYS B 26 -12.14 24.35 18.96
N LYS B 27 -13.29 24.14 19.59
CA LYS B 27 -13.35 23.34 20.80
C LYS B 27 -13.42 21.86 20.38
N GLN B 28 -13.98 21.61 19.21
CA GLN B 28 -14.10 20.26 18.67
C GLN B 28 -13.85 20.32 17.17
N PHE B 29 -13.50 19.17 16.60
CA PHE B 29 -13.21 19.09 15.17
C PHE B 29 -13.93 17.87 14.60
N THR B 30 -14.52 18.03 13.43
CA THR B 30 -15.26 16.97 12.78
C THR B 30 -14.65 16.56 11.44
N VAL B 31 -14.52 15.26 11.23
CA VAL B 31 -14.01 14.71 9.98
C VAL B 31 -15.14 13.94 9.32
N ASN B 32 -15.55 14.40 8.14
CA ASN B 32 -16.63 13.76 7.38
C ASN B 32 -16.00 12.94 6.26
N LEU B 33 -15.82 11.65 6.50
CA LEU B 33 -15.24 10.76 5.51
C LEU B 33 -16.31 10.15 4.62
N SER B 34 -16.02 10.08 3.33
CA SER B 34 -16.94 9.48 2.37
C SER B 34 -16.13 8.62 1.41
N HIS B 35 -16.78 7.62 0.84
CA HIS B 35 -16.14 6.70 -0.10
C HIS B 35 -16.84 6.81 -1.45
N PRO B 36 -16.32 7.67 -2.34
CA PRO B 36 -16.90 7.86 -3.68
C PRO B 36 -16.63 6.73 -4.65
N GLY B 37 -15.90 5.71 -4.19
CA GLY B 37 -15.57 4.58 -5.05
C GLY B 37 -16.69 3.58 -5.21
N ASN B 38 -16.45 2.56 -6.03
CA ASN B 38 -17.44 1.52 -6.29
C ASN B 38 -17.01 0.13 -5.83
N LEU B 39 -15.84 0.06 -5.19
CA LEU B 39 -15.32 -1.22 -4.71
C LEU B 39 -15.77 -1.48 -3.29
N PRO B 40 -16.15 -2.73 -2.97
CA PRO B 40 -16.62 -3.15 -1.65
C PRO B 40 -15.62 -2.97 -0.51
N LYS B 41 -16.13 -2.92 0.71
CA LYS B 41 -15.33 -2.71 1.91
C LYS B 41 -14.21 -3.73 2.15
N ASN B 42 -14.44 -4.98 1.75
CA ASN B 42 -13.44 -6.01 1.96
C ASN B 42 -12.26 -5.95 1.01
N VAL B 43 -12.38 -5.15 -0.05
CA VAL B 43 -11.30 -5.01 -1.02
C VAL B 43 -10.72 -3.60 -1.11
N MET B 44 -11.53 -2.60 -0.73
CA MET B 44 -11.08 -1.20 -0.79
C MET B 44 -11.67 -0.38 0.35
N GLY B 45 -11.72 -0.98 1.54
CA GLY B 45 -12.25 -0.29 2.69
C GLY B 45 -11.35 0.85 3.12
N HIS B 46 -11.97 1.91 3.65
CA HIS B 46 -11.21 3.07 4.11
C HIS B 46 -11.71 3.62 5.43
N ASN B 47 -10.75 4.02 6.26
CA ASN B 47 -11.07 4.65 7.54
C ASN B 47 -10.11 5.83 7.72
N TRP B 48 -10.42 6.71 8.66
CA TRP B 48 -9.58 7.87 8.96
C TRP B 48 -9.22 7.68 10.43
N VAL B 49 -7.95 7.39 10.66
CA VAL B 49 -7.41 7.14 11.99
C VAL B 49 -6.37 8.20 12.34
N LEU B 50 -6.46 8.73 13.56
CA LEU B 50 -5.53 9.75 14.01
C LEU B 50 -4.65 9.34 15.19
N SER B 51 -3.36 9.63 15.08
CA SER B 51 -2.42 9.32 16.14
C SER B 51 -1.25 10.28 16.00
N THR B 52 -0.33 10.24 16.96
CA THR B 52 0.84 11.10 16.85
C THR B 52 1.70 10.48 15.75
N ALA B 53 2.57 11.28 15.15
CA ALA B 53 3.45 10.79 14.09
C ALA B 53 4.26 9.58 14.55
N ALA B 54 4.76 9.65 15.78
CA ALA B 54 5.54 8.57 16.36
C ALA B 54 4.75 7.27 16.55
N ASP B 55 3.45 7.39 16.77
CA ASP B 55 2.60 6.22 16.99
C ASP B 55 1.96 5.59 15.76
N MET B 56 2.02 6.26 14.62
CA MET B 56 1.41 5.77 13.39
C MET B 56 1.74 4.32 12.99
N GLN B 57 3.02 4.02 12.83
CA GLN B 57 3.42 2.68 12.41
C GLN B 57 2.94 1.56 13.34
N GLY B 58 2.96 1.82 14.64
CA GLY B 58 2.50 0.83 15.60
C GLY B 58 1.01 0.57 15.44
N VAL B 59 0.25 1.64 15.26
CA VAL B 59 -1.20 1.53 15.08
C VAL B 59 -1.54 0.79 13.78
N VAL B 60 -0.83 1.12 12.71
CA VAL B 60 -1.05 0.49 11.40
C VAL B 60 -0.74 -1.02 11.44
N THR B 61 0.39 -1.36 12.05
CA THR B 61 0.82 -2.75 12.15
C THR B 61 -0.15 -3.59 12.96
N ASP B 62 -0.50 -3.10 14.16
CA ASP B 62 -1.44 -3.81 15.02
C ASP B 62 -2.84 -3.79 14.43
N GLY B 63 -3.11 -2.77 13.61
CA GLY B 63 -4.41 -2.66 12.97
C GLY B 63 -4.62 -3.78 11.96
N MET B 64 -3.58 -4.04 11.16
CA MET B 64 -3.64 -5.10 10.16
C MET B 64 -3.93 -6.43 10.82
N ALA B 65 -3.25 -6.70 11.93
CA ALA B 65 -3.38 -7.94 12.69
C ALA B 65 -4.73 -8.11 13.38
N SER B 66 -5.52 -7.04 13.44
CA SER B 66 -6.83 -7.07 14.08
C SER B 66 -7.93 -7.66 13.19
N GLY B 67 -7.76 -7.55 11.88
CA GLY B 67 -8.74 -8.10 10.94
C GLY B 67 -9.86 -7.16 10.51
N LEU B 68 -10.62 -7.59 9.51
CA LEU B 68 -11.73 -6.81 8.95
C LEU B 68 -12.85 -6.56 9.95
N ASP B 69 -13.19 -7.57 10.75
CA ASP B 69 -14.25 -7.45 11.73
C ASP B 69 -13.95 -6.45 12.83
N LYS B 70 -12.69 -6.01 12.90
CA LYS B 70 -12.26 -5.01 13.88
C LYS B 70 -11.97 -3.69 13.18
N ASP B 71 -12.35 -3.60 11.90
CA ASP B 71 -12.11 -2.39 11.09
C ASP B 71 -10.62 -2.09 11.04
N TYR B 72 -9.82 -3.15 11.14
CA TYR B 72 -8.36 -3.07 11.13
C TYR B 72 -7.83 -2.08 12.16
N LEU B 73 -8.36 -2.19 13.37
CA LEU B 73 -7.96 -1.34 14.49
C LEU B 73 -7.86 -2.17 15.75
N LYS B 74 -6.71 -2.07 16.42
CA LYS B 74 -6.48 -2.79 17.67
C LYS B 74 -7.44 -2.26 18.72
N PRO B 75 -8.33 -3.12 19.24
CA PRO B 75 -9.28 -2.66 20.26
C PRO B 75 -8.52 -2.11 21.46
N ASP B 76 -9.03 -1.01 22.02
CA ASP B 76 -8.41 -0.36 23.17
C ASP B 76 -7.01 0.18 22.89
N ASP B 77 -6.68 0.40 21.63
CA ASP B 77 -5.37 0.93 21.26
C ASP B 77 -5.25 2.35 21.82
N SER B 78 -4.49 2.50 22.89
CA SER B 78 -4.31 3.79 23.54
C SER B 78 -3.60 4.83 22.68
N ARG B 79 -2.99 4.40 21.59
CA ARG B 79 -2.27 5.30 20.68
C ARG B 79 -3.21 6.04 19.74
N VAL B 80 -4.42 5.53 19.58
CA VAL B 80 -5.42 6.15 18.72
C VAL B 80 -6.09 7.32 19.44
N ILE B 81 -6.11 8.47 18.78
CA ILE B 81 -6.72 9.67 19.34
C ILE B 81 -8.19 9.76 18.93
N ALA B 82 -8.45 9.46 17.65
CA ALA B 82 -9.80 9.49 17.11
C ALA B 82 -9.84 8.65 15.83
N HIS B 83 -11.04 8.21 15.44
CA HIS B 83 -11.17 7.41 14.24
C HIS B 83 -12.60 7.33 13.73
N THR B 84 -12.74 7.07 12.43
CA THR B 84 -14.03 6.88 11.82
C THR B 84 -14.07 5.36 11.68
N LYS B 85 -15.23 4.80 11.37
CA LYS B 85 -15.27 3.35 11.17
C LYS B 85 -14.81 3.05 9.74
N LEU B 86 -14.57 1.78 9.45
CA LEU B 86 -14.13 1.38 8.12
C LEU B 86 -15.33 1.38 7.17
N ILE B 87 -15.20 2.10 6.07
CA ILE B 87 -16.31 2.16 5.12
C ILE B 87 -15.92 1.70 3.73
N GLY B 88 -16.91 1.19 3.01
CA GLY B 88 -16.71 0.73 1.65
C GLY B 88 -17.45 1.64 0.68
N SER B 89 -17.48 1.25 -0.59
CA SER B 89 -18.13 1.99 -1.68
C SER B 89 -19.49 2.64 -1.33
N GLY B 90 -19.64 3.93 -1.65
CA GLY B 90 -20.89 4.63 -1.39
C GLY B 90 -21.22 5.07 0.02
N GLU B 91 -20.43 4.58 0.98
CA GLU B 91 -20.66 4.93 2.38
C GLU B 91 -20.03 6.23 2.82
N LYS B 92 -20.45 6.65 4.01
CA LYS B 92 -19.96 7.88 4.63
C LYS B 92 -20.00 7.69 6.16
N ASP B 93 -19.07 8.34 6.84
CA ASP B 93 -19.01 8.27 8.30
C ASP B 93 -18.33 9.50 8.87
N SER B 94 -18.87 10.01 9.96
CA SER B 94 -18.31 11.20 10.58
C SER B 94 -17.89 10.97 12.02
N VAL B 95 -16.85 11.66 12.44
CA VAL B 95 -16.38 11.58 13.81
C VAL B 95 -16.03 12.97 14.28
N THR B 96 -16.45 13.29 15.50
CA THR B 96 -16.16 14.58 16.11
C THR B 96 -15.44 14.31 17.42
N PHE B 97 -14.25 14.90 17.56
CA PHE B 97 -13.47 14.70 18.77
C PHE B 97 -13.11 16.04 19.40
N ASP B 98 -12.74 15.98 20.68
CA ASP B 98 -12.35 17.17 21.44
C ASP B 98 -10.96 17.62 21.00
N VAL B 99 -10.85 18.89 20.62
CA VAL B 99 -9.58 19.45 20.17
C VAL B 99 -8.56 19.53 21.31
N SER B 100 -9.04 19.49 22.55
CA SER B 100 -8.16 19.54 23.71
C SER B 100 -7.33 18.24 23.85
N LYS B 101 -7.62 17.26 23.00
CA LYS B 101 -6.86 16.01 23.00
C LYS B 101 -5.58 16.19 22.21
N LEU B 102 -5.44 17.38 21.60
CA LEU B 102 -4.27 17.73 20.80
C LEU B 102 -3.56 18.92 21.45
N LYS B 103 -2.30 19.11 21.09
CA LYS B 103 -1.52 20.21 21.61
C LYS B 103 -0.64 20.78 20.51
N GLU B 104 -0.30 22.07 20.61
CA GLU B 104 0.55 22.72 19.62
C GLU B 104 1.96 22.18 19.62
N GLY B 105 2.62 22.26 18.48
CA GLY B 105 3.99 21.77 18.37
C GLY B 105 4.10 20.29 18.07
N GLU B 106 3.17 19.49 18.59
CA GLU B 106 3.18 18.04 18.39
C GLU B 106 2.73 17.64 16.98
N GLN B 107 3.45 16.69 16.40
CA GLN B 107 3.12 16.21 15.06
C GLN B 107 2.18 15.01 15.10
N TYR B 108 1.09 15.11 14.33
CA TYR B 108 0.11 14.03 14.25
C TYR B 108 0.00 13.59 12.81
N MET B 109 -0.51 12.38 12.62
CA MET B 109 -0.70 11.81 11.29
C MET B 109 -2.05 11.12 11.22
N PHE B 110 -2.76 11.32 10.12
CA PHE B 110 -4.04 10.65 9.91
C PHE B 110 -3.74 9.62 8.81
N PHE B 111 -4.44 8.49 8.86
CA PHE B 111 -4.18 7.43 7.89
C PHE B 111 -5.26 6.38 7.87
N CYS B 112 -5.23 5.55 6.83
CA CYS B 112 -6.16 4.44 6.69
C CYS B 112 -5.41 3.19 7.14
N THR B 113 -6.03 2.37 7.99
CA THR B 113 -5.39 1.15 8.52
C THR B 113 -5.67 -0.11 7.70
N PHE B 114 -6.44 0.01 6.62
CA PHE B 114 -6.73 -1.15 5.77
C PHE B 114 -5.38 -1.66 5.22
N PRO B 115 -5.17 -2.98 5.18
CA PRO B 115 -3.94 -3.60 4.68
C PRO B 115 -3.34 -2.98 3.43
N GLY B 116 -2.11 -2.45 3.57
CA GLY B 116 -1.39 -1.84 2.47
C GLY B 116 -1.83 -0.48 1.96
N HIS B 117 -2.72 0.19 2.70
CA HIS B 117 -3.20 1.50 2.30
C HIS B 117 -2.42 2.69 2.86
N SER B 118 -1.96 2.58 4.11
CA SER B 118 -1.25 3.66 4.80
C SER B 118 -0.10 4.33 4.04
N ALA B 119 0.59 3.57 3.21
CA ALA B 119 1.70 4.11 2.42
C ALA B 119 1.18 5.21 1.48
N LEU B 120 0.00 4.96 0.91
CA LEU B 120 -0.63 5.91 -0.01
C LEU B 120 -1.65 6.81 0.68
N MET B 121 -2.26 6.29 1.74
CA MET B 121 -3.30 7.03 2.47
C MET B 121 -2.89 7.46 3.87
N LYS B 122 -2.16 8.57 3.92
CA LYS B 122 -1.67 9.14 5.16
C LYS B 122 -1.47 10.62 4.95
N GLY B 123 -1.60 11.39 6.03
CA GLY B 123 -1.41 12.83 5.95
C GLY B 123 -1.02 13.38 7.30
N THR B 124 -0.66 14.65 7.33
CA THR B 124 -0.25 15.30 8.56
C THR B 124 -1.37 16.15 9.16
N LEU B 125 -1.42 16.22 10.49
CA LEU B 125 -2.42 17.04 11.17
C LEU B 125 -1.70 17.75 12.30
N THR B 126 -1.97 19.04 12.44
CA THR B 126 -1.37 19.83 13.49
C THR B 126 -2.39 20.82 14.04
N LEU B 127 -2.19 21.23 15.28
CA LEU B 127 -3.07 22.20 15.94
C LEU B 127 -2.36 23.56 15.86
N LYS B 128 -3.10 24.59 15.47
CA LYS B 128 -2.50 25.92 15.35
C LYS B 128 -3.53 27.04 15.46
CU CU C . 3.29 -7.30 -2.06
RE REP D . 1.56 -16.08 -16.12
N1 REP D . 1.03 -14.15 -16.94
N2 REP D . 3.20 -15.64 -17.48
O1 REP D . 0.05 -17.71 -18.28
O2 REP D . 2.64 -18.71 -14.98
O3 REP D . -0.81 -16.45 -14.23
C1 REP D . 0.60 -17.11 -17.47
C2 REP D . 2.26 -17.73 -15.41
C3 REP D . 0.05 -16.33 -14.93
C7 REP D . -0.05 -13.43 -16.64
C8 REP D . -0.33 -12.19 -17.24
C9 REP D . 0.53 -11.69 -18.15
C10 REP D . 1.70 -12.41 -18.51
C11 REP D . 1.92 -13.65 -17.85
C12 REP D . 3.08 -14.44 -18.15
C13 REP D . 4.02 -13.98 -19.09
C14 REP D . 5.12 -14.79 -19.32
C15 REP D . 5.27 -15.98 -18.67
C16 REP D . 4.28 -16.37 -17.75
C17 REP D . 2.70 -11.98 -19.46
C18 REP D . 3.79 -12.72 -19.74
CU IME E . 21.68 -11.62 -26.05
O1 IME E . 21.57 -11.29 -23.54
O2 IME E . 21.59 -11.65 -28.57
CG1 IME E . 24.85 -14.26 -25.39
CDC IME E . 23.89 -13.41 -24.98
NDB IME E . 24.72 -14.41 -26.76
CEB IME E . 23.70 -13.64 -27.11
NEC IME E . 23.16 -13.01 -26.07
CG2 IME E . 24.37 -8.65 -27.42
CDM IME E . 23.20 -9.32 -27.44
NDL IME E . 25.08 -9.12 -26.34
CEL IME E . 24.26 -10.02 -25.85
NEM IME E . 23.08 -10.24 -26.43
CG3 IME E . 18.62 -8.99 -26.87
CDW IME E . 19.51 -9.94 -27.22
NDV IME E . 18.74 -8.68 -25.53
CEV IME E . 19.73 -9.47 -25.16
NEW IME E . 20.24 -10.24 -26.10
CG4 IME E . 19.25 -15.24 -25.90
CD6 IME E . 20.27 -14.47 -26.39
ND5 IME E . 18.78 -14.37 -24.95
CE5 IME E . 19.56 -13.32 -25.05
NE6 IME E . 20.56 -13.22 -25.91
CU CU F . -8.07 2.53 2.87
RE REP G . -13.54 3.33 18.79
N1 REP G . -11.43 3.05 19.23
N2 REP G . -12.93 5.23 19.64
O1 REP G . -14.51 2.26 21.54
O2 REP G . -16.43 4.13 18.11
O3 REP G . -14.18 0.58 17.59
C1 REP G . -14.15 2.65 20.52
C2 REP G . -15.35 3.84 18.36
C3 REP G . -13.95 1.59 18.04
C7 REP G . -10.68 1.95 19.00
C8 REP G . -9.34 1.85 19.40
C9 REP G . -8.75 2.89 20.03
C10 REP G . -9.49 4.07 20.29
C11 REP G . -10.83 4.10 19.86
C12 REP G . -11.64 5.27 20.09
C13 REP G . -11.08 6.40 20.73
C14 REP G . -11.92 7.49 20.92
C15 REP G . -13.20 7.49 20.48
C16 REP G . -13.68 6.32 19.85
C17 REP G . -8.95 5.25 20.95
C18 REP G . -9.71 6.33 21.16
#